data_7NHW
#
_entry.id   7NHW
#
_cell.length_a   57.515
_cell.length_b   57.515
_cell.length_c   159.526
_cell.angle_alpha   90.000
_cell.angle_beta   90.000
_cell.angle_gamma   120.000
#
_symmetry.space_group_name_H-M   'P 32 2 1'
#
loop_
_entity.id
_entity.type
_entity.pdbx_description
1 polymer 'Chaperone protein IpgC'
2 non-polymer 'CHLORIDE ION'
3 non-polymer CHLORZOXAZONE
4 non-polymer 'MAGNESIUM ION'
5 water water
#
_entity_poly.entity_id   1
_entity_poly.type   'polypeptide(L)'
_entity_poly.pdbx_seq_one_letter_code
;GSISTAVIDAINSGATLKDINAIPDDMMDDIYSYAYDFYNKGRIEEAEVFFRFLCIYDFYNVDYIMGLAAIYQIKEQFQQ
AADLYAVAFALGKNDYTPVFHTGQCQLRLKAPLKAKECFELVIQHSNDEKLKIKAQSYLDAIQ
;
_entity_poly.pdbx_strand_id   A,B
#
# COMPACT_ATOMS: atom_id res chain seq x y z
N THR A 16 6.82 3.37 -16.76
CA THR A 16 7.71 4.29 -16.06
C THR A 16 8.84 4.77 -16.98
N LEU A 17 9.26 6.03 -16.78
CA LEU A 17 10.53 6.47 -17.35
C LEU A 17 11.69 5.60 -16.88
N LYS A 18 11.58 5.05 -15.67
CA LYS A 18 12.59 4.12 -15.17
C LYS A 18 12.64 2.87 -16.05
N ASP A 19 11.49 2.41 -16.53
CA ASP A 19 11.45 1.19 -17.33
C ASP A 19 12.30 1.28 -18.58
N ILE A 20 12.46 2.49 -19.13
CA ILE A 20 13.25 2.69 -20.34
C ILE A 20 14.62 3.27 -20.04
N ASN A 21 15.02 3.32 -18.77
CA ASN A 21 16.33 3.86 -18.37
C ASN A 21 16.61 5.21 -19.03
N ALA A 22 15.66 6.13 -18.86
CA ALA A 22 15.76 7.45 -19.48
C ALA A 22 16.84 8.32 -18.85
N ILE A 23 17.20 8.05 -17.59
CA ILE A 23 18.24 8.77 -16.84
C ILE A 23 19.16 7.73 -16.19
N PRO A 24 20.49 7.88 -16.27
CA PRO A 24 21.38 6.87 -15.70
C PRO A 24 21.14 6.68 -14.21
N ASP A 25 21.50 5.48 -13.72
CA ASP A 25 21.23 5.12 -12.33
C ASP A 25 21.95 6.04 -11.35
N ASP A 26 23.23 6.31 -11.60
CA ASP A 26 24.00 7.16 -10.69
C ASP A 26 23.44 8.57 -10.65
N MET A 27 22.96 9.07 -11.79
CA MET A 27 22.36 10.40 -11.78
C MET A 27 21.06 10.42 -10.98
N MET A 28 20.27 9.35 -11.06
CA MET A 28 19.09 9.28 -10.19
C MET A 28 19.48 9.22 -8.72
N ASP A 29 20.55 8.50 -8.38
CA ASP A 29 21.03 8.50 -7.00
C ASP A 29 21.37 9.91 -6.57
N ASP A 30 22.02 10.67 -7.45
CA ASP A 30 22.37 12.04 -7.14
C ASP A 30 21.13 12.87 -6.88
N ILE A 31 20.10 12.72 -7.74
CA ILE A 31 18.89 13.52 -7.56
C ILE A 31 18.20 13.16 -6.25
N TYR A 32 18.18 11.87 -5.91
CA TYR A 32 17.58 11.47 -4.63
C TYR A 32 18.33 12.09 -3.45
N SER A 33 19.67 12.07 -3.50
N SER A 33 19.67 12.08 -3.51
CA SER A 33 20.44 12.66 -2.41
CA SER A 33 20.46 12.67 -2.44
C SER A 33 20.26 14.17 -2.35
C SER A 33 20.27 14.17 -2.36
N TYR A 34 20.09 14.82 -3.50
CA TYR A 34 19.85 16.26 -3.50
C TYR A 34 18.49 16.58 -2.88
N ALA A 35 17.48 15.78 -3.22
CA ALA A 35 16.17 15.93 -2.59
C ALA A 35 16.27 15.85 -1.07
N TYR A 36 17.01 14.87 -0.56
CA TYR A 36 17.14 14.74 0.88
C TYR A 36 17.94 15.91 1.47
N ASP A 37 18.91 16.43 0.71
CA ASP A 37 19.61 17.65 1.13
C ASP A 37 18.63 18.79 1.31
N PHE A 38 17.78 19.04 0.31
CA PHE A 38 16.77 20.10 0.45
C PHE A 38 15.91 19.87 1.68
N TYR A 39 15.41 18.65 1.82
CA TYR A 39 14.58 18.30 2.96
C TYR A 39 15.30 18.59 4.28
N ASN A 40 16.56 18.13 4.40
CA ASN A 40 17.29 18.28 5.66
C ASN A 40 17.58 19.74 5.97
N LYS A 41 17.69 20.58 4.94
CA LYS A 41 17.90 22.01 5.09
C LYS A 41 16.62 22.82 5.22
N GLY A 42 15.45 22.16 5.25
CA GLY A 42 14.21 22.91 5.38
C GLY A 42 13.74 23.56 4.11
N ARG A 43 14.37 23.25 2.97
CA ARG A 43 13.94 23.77 1.67
C ARG A 43 12.82 22.86 1.13
N ILE A 44 11.66 22.99 1.77
CA ILE A 44 10.58 22.03 1.56
C ILE A 44 10.02 22.15 0.14
N GLU A 45 9.80 23.37 -0.33
CA GLU A 45 9.25 23.52 -1.68
C GLU A 45 10.14 22.86 -2.73
N GLU A 46 11.46 23.08 -2.63
CA GLU A 46 12.41 22.46 -3.55
C GLU A 46 12.44 20.94 -3.37
N ALA A 47 12.46 20.46 -2.11
CA ALA A 47 12.40 19.02 -1.89
C ALA A 47 11.15 18.41 -2.51
N GLU A 48 10.01 19.09 -2.38
CA GLU A 48 8.76 18.58 -2.97
C GLU A 48 8.86 18.46 -4.49
N VAL A 49 9.43 19.47 -5.16
CA VAL A 49 9.64 19.37 -6.61
C VAL A 49 10.50 18.15 -6.93
N PHE A 50 11.62 17.99 -6.20
CA PHE A 50 12.54 16.89 -6.48
C PHE A 50 11.92 15.52 -6.17
N PHE A 51 11.15 15.41 -5.07
CA PHE A 51 10.51 14.12 -4.79
C PHE A 51 9.36 13.87 -5.75
N ARG A 52 8.63 14.91 -6.16
CA ARG A 52 7.64 14.70 -7.21
C ARG A 52 8.32 14.23 -8.50
N PHE A 53 9.44 14.86 -8.85
CA PHE A 53 10.20 14.44 -10.03
C PHE A 53 10.56 12.96 -9.94
N LEU A 54 11.11 12.54 -8.81
CA LEU A 54 11.48 11.15 -8.61
C LEU A 54 10.28 10.21 -8.74
N CYS A 55 9.13 10.59 -8.18
CA CYS A 55 7.97 9.70 -8.22
C CYS A 55 7.32 9.64 -9.59
N ILE A 56 7.49 10.67 -10.40
CA ILE A 56 7.08 10.58 -11.79
C ILE A 56 8.00 9.63 -12.52
N TYR A 57 9.30 9.70 -12.22
CA TYR A 57 10.26 8.88 -12.94
C TYR A 57 10.04 7.41 -12.64
N ASP A 58 9.79 7.07 -11.37
CA ASP A 58 9.54 5.67 -10.98
C ASP A 58 8.55 5.66 -9.81
N PHE A 59 7.26 5.52 -10.15
CA PHE A 59 6.23 5.43 -9.11
C PHE A 59 6.40 4.20 -8.24
N TYR A 60 7.20 3.23 -8.68
CA TYR A 60 7.31 1.94 -8.00
C TYR A 60 8.45 1.90 -6.98
N ASN A 61 9.17 3.00 -6.80
CA ASN A 61 10.34 3.03 -5.91
C ASN A 61 9.86 3.45 -4.53
N VAL A 62 9.94 2.54 -3.55
CA VAL A 62 9.35 2.82 -2.24
C VAL A 62 10.00 4.03 -1.58
N ASP A 63 11.32 4.14 -1.69
CA ASP A 63 12.02 5.25 -1.05
C ASP A 63 11.65 6.59 -1.68
N TYR A 64 11.39 6.59 -2.99
CA TYR A 64 10.92 7.83 -3.61
C TYR A 64 9.54 8.20 -3.06
N ILE A 65 8.64 7.23 -2.98
CA ILE A 65 7.30 7.49 -2.43
C ILE A 65 7.38 7.94 -0.98
N MET A 66 8.21 7.26 -0.16
CA MET A 66 8.35 7.67 1.23
C MET A 66 8.83 9.12 1.35
N GLY A 67 9.72 9.55 0.46
CA GLY A 67 10.19 10.92 0.50
C GLY A 67 9.06 11.92 0.24
N LEU A 68 8.27 11.68 -0.80
CA LEU A 68 7.14 12.56 -1.09
C LEU A 68 6.11 12.50 0.03
N ALA A 69 5.91 11.32 0.62
CA ALA A 69 4.96 11.23 1.73
C ALA A 69 5.43 12.05 2.92
N ALA A 70 6.73 12.01 3.21
CA ALA A 70 7.27 12.80 4.31
C ALA A 70 7.06 14.28 4.09
N ILE A 71 7.28 14.74 2.85
CA ILE A 71 7.02 16.15 2.51
C ILE A 71 5.57 16.48 2.82
N TYR A 72 4.63 15.63 2.36
CA TYR A 72 3.22 15.92 2.58
C TYR A 72 2.92 15.96 4.08
N GLN A 73 3.54 15.06 4.84
CA GLN A 73 3.32 15.06 6.27
C GLN A 73 3.85 16.34 6.92
N ILE A 74 5.05 16.78 6.54
CA ILE A 74 5.61 18.03 7.05
C ILE A 74 4.70 19.21 6.71
N LYS A 75 4.13 19.20 5.51
CA LYS A 75 3.22 20.28 5.13
C LYS A 75 1.84 20.14 5.76
N GLU A 76 1.66 19.13 6.63
CA GLU A 76 0.41 18.88 7.34
C GLU A 76 -0.72 18.53 6.38
N GLN A 77 -0.37 17.92 5.25
CA GLN A 77 -1.35 17.31 4.34
C GLN A 77 -1.45 15.83 4.69
N PHE A 78 -2.11 15.56 5.84
CA PHE A 78 -1.95 14.28 6.53
C PHE A 78 -2.66 13.14 5.80
N GLN A 79 -3.81 13.42 5.20
CA GLN A 79 -4.49 12.39 4.43
C GLN A 79 -3.71 12.05 3.16
N GLN A 80 -3.19 13.08 2.47
CA GLN A 80 -2.39 12.81 1.28
C GLN A 80 -1.14 11.99 1.64
N ALA A 81 -0.51 12.31 2.77
CA ALA A 81 0.63 11.53 3.24
C ALA A 81 0.22 10.10 3.54
N ALA A 82 -0.89 9.93 4.26
CA ALA A 82 -1.34 8.59 4.62
C ALA A 82 -1.63 7.75 3.38
N ASP A 83 -2.19 8.37 2.34
CA ASP A 83 -2.48 7.64 1.11
C ASP A 83 -1.21 7.09 0.48
N LEU A 84 -0.17 7.92 0.40
CA LEU A 84 1.09 7.43 -0.16
C LEU A 84 1.74 6.38 0.74
N TYR A 85 1.63 6.54 2.06
CA TYR A 85 2.20 5.55 2.96
C TYR A 85 1.61 4.17 2.73
N ALA A 86 0.32 4.11 2.40
CA ALA A 86 -0.31 2.82 2.15
C ALA A 86 0.27 2.17 0.89
N VAL A 87 0.48 2.96 -0.16
CA VAL A 87 1.18 2.44 -1.34
C VAL A 87 2.59 2.02 -0.98
N ALA A 88 3.32 2.88 -0.25
CA ALA A 88 4.69 2.57 0.13
C ALA A 88 4.77 1.25 0.90
N PHE A 89 3.80 0.99 1.77
CA PHE A 89 3.82 -0.28 2.51
C PHE A 89 3.74 -1.47 1.57
N ALA A 90 2.87 -1.41 0.57
CA ALA A 90 2.73 -2.52 -0.38
C ALA A 90 3.98 -2.74 -1.23
N LEU A 91 4.69 -1.66 -1.56
CA LEU A 91 5.90 -1.72 -2.38
C LEU A 91 7.12 -2.22 -1.63
N GLY A 92 7.10 -2.19 -0.31
N GLY A 92 7.02 -2.43 -0.32
CA GLY A 92 8.32 -2.35 0.47
CA GLY A 92 8.05 -3.13 0.42
C GLY A 92 8.70 -3.81 0.65
C GLY A 92 7.58 -4.39 1.14
N LYS A 93 9.73 -4.02 1.48
N LYS A 93 6.27 -4.48 1.42
CA LYS A 93 10.20 -5.35 1.86
CA LYS A 93 5.65 -5.64 2.05
C LYS A 93 9.89 -5.54 3.33
C LYS A 93 6.06 -5.85 3.50
N ASN A 94 8.63 -5.86 3.63
N ASN A 94 7.34 -5.69 3.82
CA ASN A 94 8.17 -6.08 5.00
CA ASN A 94 7.87 -6.08 5.13
C ASN A 94 8.58 -4.93 5.92
C ASN A 94 8.25 -4.91 6.01
N ASP A 95 8.36 -3.70 5.46
CA ASP A 95 8.78 -2.53 6.21
C ASP A 95 7.57 -1.81 6.80
N TYR A 96 7.51 -1.73 8.13
CA TYR A 96 6.36 -1.13 8.81
C TYR A 96 6.55 0.36 9.12
N THR A 97 7.65 0.97 8.70
CA THR A 97 7.82 2.42 8.86
C THR A 97 6.67 3.22 8.25
N PRO A 98 6.20 2.97 7.03
CA PRO A 98 5.03 3.74 6.54
C PRO A 98 3.79 3.56 7.40
N VAL A 99 3.62 2.41 8.04
CA VAL A 99 2.49 2.20 8.95
C VAL A 99 2.65 3.05 10.21
N PHE A 100 3.87 3.12 10.75
CA PHE A 100 4.15 4.02 11.86
C PHE A 100 3.78 5.47 11.51
N HIS A 101 4.24 5.97 10.36
CA HIS A 101 3.92 7.35 10.00
C HIS A 101 2.43 7.56 9.76
N THR A 102 1.75 6.56 9.20
CA THR A 102 0.29 6.64 9.06
C THR A 102 -0.38 6.82 10.42
N GLY A 103 0.08 6.08 11.43
CA GLY A 103 -0.47 6.27 12.77
C GLY A 103 -0.33 7.71 13.22
N GLN A 104 0.82 8.32 12.95
CA GLN A 104 1.02 9.74 13.30
C GLN A 104 0.02 10.62 12.55
N CYS A 105 -0.13 10.38 11.24
CA CYS A 105 -1.09 11.15 10.45
C CYS A 105 -2.50 10.97 10.95
N GLN A 106 -2.86 9.74 11.36
CA GLN A 106 -4.22 9.52 11.84
C GLN A 106 -4.48 10.29 13.13
N LEU A 107 -3.48 10.36 14.02
CA LEU A 107 -3.66 11.17 15.22
C LEU A 107 -3.94 12.63 14.86
N ARG A 108 -3.22 13.17 13.89
CA ARG A 108 -3.45 14.56 13.49
C ARG A 108 -4.80 14.73 12.80
N LEU A 109 -5.29 13.69 12.13
CA LEU A 109 -6.62 13.70 11.54
C LEU A 109 -7.73 13.44 12.56
N LYS A 110 -7.40 13.38 13.85
CA LYS A 110 -8.39 13.12 14.90
C LYS A 110 -9.08 11.77 14.71
N ALA A 111 -8.29 10.74 14.39
CA ALA A 111 -8.79 9.37 14.24
C ALA A 111 -7.97 8.46 15.13
N PRO A 112 -8.10 8.60 16.47
CA PRO A 112 -7.20 7.87 17.38
C PRO A 112 -7.37 6.36 17.35
N LEU A 113 -8.56 5.87 17.02
CA LEU A 113 -8.73 4.43 16.93
C LEU A 113 -8.01 3.87 15.71
N LYS A 114 -8.07 4.58 14.56
CA LYS A 114 -7.27 4.19 13.41
C LYS A 114 -5.78 4.26 13.72
N ALA A 115 -5.35 5.32 14.42
CA ALA A 115 -3.94 5.43 14.77
C ALA A 115 -3.51 4.26 15.65
N LYS A 116 -4.31 3.93 16.65
CA LYS A 116 -3.99 2.82 17.54
C LYS A 116 -3.78 1.52 16.75
N GLU A 117 -4.64 1.29 15.76
CA GLU A 117 -4.51 0.10 14.93
C GLU A 117 -3.19 0.09 14.19
N CYS A 118 -2.76 1.25 13.68
CA CYS A 118 -1.47 1.33 13.00
C CYS A 118 -0.32 0.99 13.94
N PHE A 119 -0.26 1.65 15.11
CA PHE A 119 0.85 1.39 16.01
C PHE A 119 0.81 -0.04 16.52
N GLU A 120 -0.37 -0.60 16.72
CA GLU A 120 -0.43 -1.99 17.15
C GLU A 120 0.11 -2.91 16.06
N LEU A 121 -0.18 -2.60 14.80
CA LEU A 121 0.30 -3.43 13.70
C LEU A 121 1.81 -3.42 13.64
N VAL A 122 2.42 -2.25 13.80
CA VAL A 122 3.88 -2.14 13.89
C VAL A 122 4.42 -3.07 14.98
N ILE A 123 3.83 -3.01 16.17
CA ILE A 123 4.36 -3.79 17.28
C ILE A 123 4.17 -5.28 17.04
N GLN A 124 3.08 -5.69 16.38
N GLN A 124 3.06 -5.69 16.41
CA GLN A 124 2.81 -7.10 16.24
CA GLN A 124 2.79 -7.11 16.22
C GLN A 124 3.57 -7.75 15.09
C GLN A 124 3.69 -7.70 15.14
N HIS A 125 3.91 -6.97 14.06
CA HIS A 125 4.57 -7.50 12.87
C HIS A 125 6.01 -7.07 12.64
N SER A 126 6.45 -5.92 13.15
CA SER A 126 7.75 -5.40 12.73
C SER A 126 8.90 -6.10 13.45
N ASN A 127 10.01 -6.27 12.74
CA ASN A 127 11.26 -6.76 13.33
C ASN A 127 12.24 -5.62 13.60
N ASP A 128 11.82 -4.38 13.39
CA ASP A 128 12.60 -3.17 13.63
C ASP A 128 12.40 -2.75 15.08
N GLU A 129 13.40 -3.01 15.93
CA GLU A 129 13.22 -2.78 17.35
C GLU A 129 13.14 -1.29 17.69
N LYS A 130 13.94 -0.45 17.04
CA LYS A 130 13.85 0.98 17.31
C LYS A 130 12.49 1.54 16.89
N LEU A 131 11.96 1.07 15.76
CA LEU A 131 10.63 1.51 15.33
C LEU A 131 9.55 1.06 16.30
N LYS A 132 9.64 -0.17 16.81
CA LYS A 132 8.64 -0.62 17.77
C LYS A 132 8.69 0.20 19.05
N ILE A 133 9.89 0.59 19.48
CA ILE A 133 10.00 1.45 20.66
C ILE A 133 9.23 2.73 20.44
N LYS A 134 9.38 3.34 19.26
CA LYS A 134 8.64 4.57 18.93
C LYS A 134 7.14 4.32 18.89
N ALA A 135 6.72 3.23 18.24
CA ALA A 135 5.30 2.93 18.15
C ALA A 135 4.70 2.71 19.53
N GLN A 136 5.42 2.02 20.43
CA GLN A 136 4.89 1.79 21.76
C GLN A 136 4.74 3.10 22.54
N SER A 137 5.67 4.04 22.35
CA SER A 137 5.53 5.31 23.06
C SER A 137 4.29 6.07 22.61
N TYR A 138 3.92 5.95 21.33
CA TYR A 138 2.64 6.51 20.90
C TYR A 138 1.47 5.75 21.52
N LEU A 139 1.51 4.42 21.47
CA LEU A 139 0.43 3.64 22.08
C LEU A 139 0.25 4.01 23.54
N ASP A 140 1.36 4.22 24.26
CA ASP A 140 1.25 4.54 25.69
C ASP A 140 0.51 5.85 25.92
N ALA A 141 0.62 6.78 24.98
CA ALA A 141 0.04 8.11 25.13
C ALA A 141 -1.42 8.18 24.69
N ILE A 142 -1.84 7.30 23.78
CA ILE A 142 -3.21 7.33 23.27
C ILE A 142 -4.18 6.94 24.37
N GLN A 143 -5.20 7.76 24.58
CA GLN A 143 -6.14 7.53 25.68
C GLN A 143 -7.02 6.31 25.42
N GLY B 1 -1.27 0.83 -13.97
CA GLY B 1 -2.42 0.22 -13.33
C GLY B 1 -2.98 1.02 -12.18
N SER B 2 -3.67 0.33 -11.27
N SER B 2 -3.66 0.32 -11.26
CA SER B 2 -4.36 1.03 -10.17
CA SER B 2 -4.36 1.00 -10.17
C SER B 2 -3.39 1.76 -9.27
C SER B 2 -3.40 1.75 -9.25
N ILE B 3 -2.22 1.17 -9.01
CA ILE B 3 -1.25 1.77 -8.10
C ILE B 3 -0.60 3.01 -8.73
N SER B 4 -0.19 2.93 -10.00
CA SER B 4 0.38 4.10 -10.65
C SER B 4 -0.64 5.24 -10.71
N THR B 5 -1.92 4.91 -10.95
CA THR B 5 -2.96 5.93 -10.91
C THR B 5 -3.02 6.60 -9.54
N ALA B 6 -3.04 5.78 -8.47
CA ALA B 6 -3.05 6.37 -7.14
C ALA B 6 -1.82 7.25 -6.92
N VAL B 7 -0.64 6.85 -7.42
CA VAL B 7 0.55 7.65 -7.18
C VAL B 7 0.52 8.94 -7.99
N ILE B 8 0.07 8.87 -9.26
CA ILE B 8 -0.06 10.08 -10.07
C ILE B 8 -1.02 11.06 -9.41
N ASP B 9 -2.17 10.57 -8.95
CA ASP B 9 -3.13 11.41 -8.24
C ASP B 9 -2.49 12.12 -7.04
N ALA B 10 -1.61 11.41 -6.32
CA ALA B 10 -0.98 12.00 -5.13
C ALA B 10 0.10 13.01 -5.51
N ILE B 11 0.84 12.72 -6.59
CA ILE B 11 1.82 13.69 -7.09
C ILE B 11 1.12 14.97 -7.51
N ASN B 12 0.17 14.85 -8.45
CA ASN B 12 -0.48 16.03 -9.02
C ASN B 12 -1.32 16.76 -7.98
N SER B 13 -1.82 16.05 -6.98
CA SER B 13 -2.51 16.62 -5.81
C SER B 13 -3.61 17.60 -6.21
N GLY B 14 -4.10 17.49 -7.44
CA GLY B 14 -5.25 18.24 -7.87
C GLY B 14 -6.54 17.60 -7.41
N ALA B 15 -7.64 18.23 -7.76
CA ALA B 15 -8.94 17.70 -7.37
C ALA B 15 -9.21 16.39 -8.11
N THR B 16 -9.64 15.38 -7.37
CA THR B 16 -9.99 14.09 -7.94
C THR B 16 -11.49 13.97 -8.07
N LEU B 17 -11.92 12.88 -8.71
CA LEU B 17 -13.35 12.67 -8.87
C LEU B 17 -14.02 12.37 -7.53
N LYS B 18 -13.34 11.66 -6.63
CA LYS B 18 -13.92 11.41 -5.32
C LYS B 18 -13.99 12.69 -4.50
N ASP B 19 -12.99 13.57 -4.62
CA ASP B 19 -12.97 14.79 -3.82
C ASP B 19 -14.22 15.64 -4.00
N ILE B 20 -14.86 15.55 -5.17
CA ILE B 20 -16.07 16.31 -5.45
C ILE B 20 -17.33 15.45 -5.33
N ASN B 21 -17.20 14.24 -4.76
CA ASN B 21 -18.31 13.29 -4.64
C ASN B 21 -19.04 13.15 -5.98
N ALA B 22 -18.25 12.87 -7.03
CA ALA B 22 -18.79 12.80 -8.38
C ALA B 22 -19.65 11.56 -8.59
N ILE B 23 -19.43 10.49 -7.83
CA ILE B 23 -20.25 9.30 -7.91
C ILE B 23 -20.73 8.98 -6.50
N PRO B 24 -22.03 8.97 -6.25
CA PRO B 24 -22.54 8.68 -4.90
C PRO B 24 -22.23 7.26 -4.47
N ASP B 25 -22.33 7.06 -3.15
CA ASP B 25 -22.06 5.74 -2.57
C ASP B 25 -23.01 4.69 -3.17
N ASP B 26 -24.28 5.04 -3.34
CA ASP B 26 -25.26 4.07 -3.81
C ASP B 26 -24.94 3.58 -5.23
N MET B 27 -24.46 4.47 -6.10
CA MET B 27 -24.08 4.06 -7.44
C MET B 27 -22.80 3.24 -7.43
N MET B 28 -21.84 3.61 -6.57
CA MET B 28 -20.63 2.80 -6.43
C MET B 28 -20.97 1.39 -5.99
N ASP B 29 -21.92 1.26 -5.05
CA ASP B 29 -22.39 -0.06 -4.62
C ASP B 29 -22.96 -0.87 -5.77
N ASP B 30 -23.75 -0.23 -6.64
CA ASP B 30 -24.32 -0.92 -7.79
C ASP B 30 -23.23 -1.41 -8.74
N ILE B 31 -22.28 -0.53 -9.08
CA ILE B 31 -21.22 -0.90 -10.01
C ILE B 31 -20.40 -2.05 -9.45
N TYR B 32 -20.12 -2.03 -8.15
CA TYR B 32 -19.42 -3.14 -7.52
C TYR B 32 -20.19 -4.44 -7.68
N SER B 33 -21.52 -4.39 -7.51
CA SER B 33 -22.31 -5.60 -7.68
C SER B 33 -22.28 -6.07 -9.14
N TYR B 34 -22.27 -5.13 -10.08
CA TYR B 34 -22.15 -5.51 -11.48
C TYR B 34 -20.80 -6.14 -11.75
N ALA B 35 -19.73 -5.56 -11.19
CA ALA B 35 -18.41 -6.14 -11.36
C ALA B 35 -18.40 -7.61 -10.96
N TYR B 36 -19.00 -7.94 -9.80
CA TYR B 36 -19.03 -9.34 -9.38
C TYR B 36 -19.99 -10.17 -10.21
N ASP B 37 -21.08 -9.58 -10.72
CA ASP B 37 -21.92 -10.31 -11.66
C ASP B 37 -21.10 -10.79 -12.85
N PHE B 38 -20.32 -9.89 -13.47
CA PHE B 38 -19.42 -10.29 -14.54
C PHE B 38 -18.46 -11.37 -14.04
N TYR B 39 -17.80 -11.10 -12.91
CA TYR B 39 -16.80 -12.03 -12.39
C TYR B 39 -17.41 -13.42 -12.19
N ASN B 40 -18.58 -13.49 -11.54
CA ASN B 40 -19.18 -14.77 -11.19
C ASN B 40 -19.59 -15.57 -12.42
N LYS B 41 -19.86 -14.90 -13.54
CA LYS B 41 -20.17 -15.59 -14.79
C LYS B 41 -18.92 -15.91 -15.61
N GLY B 42 -17.74 -15.63 -15.09
CA GLY B 42 -16.52 -15.86 -15.83
C GLY B 42 -16.16 -14.81 -16.84
N ARG B 43 -16.87 -13.67 -16.85
CA ARG B 43 -16.53 -12.53 -17.70
C ARG B 43 -15.45 -11.69 -17.02
N ILE B 44 -14.24 -12.27 -16.97
CA ILE B 44 -13.15 -11.73 -16.17
C ILE B 44 -12.68 -10.40 -16.71
N GLU B 45 -12.70 -10.24 -18.04
CA GLU B 45 -12.20 -9.00 -18.63
C GLU B 45 -13.10 -7.84 -18.29
N GLU B 46 -14.42 -8.03 -18.37
CA GLU B 46 -15.33 -6.95 -18.03
C GLU B 46 -15.26 -6.64 -16.54
N ALA B 47 -15.22 -7.69 -15.71
CA ALA B 47 -15.06 -7.48 -14.27
C ALA B 47 -13.81 -6.67 -13.98
N GLU B 48 -12.70 -6.99 -14.65
CA GLU B 48 -11.47 -6.25 -14.41
C GLU B 48 -11.63 -4.77 -14.76
N VAL B 49 -12.30 -4.47 -15.89
CA VAL B 49 -12.57 -3.07 -16.23
C VAL B 49 -13.34 -2.40 -15.11
N PHE B 50 -14.38 -3.08 -14.60
CA PHE B 50 -15.23 -2.47 -13.58
C PHE B 50 -14.48 -2.27 -12.26
N PHE B 51 -13.67 -3.25 -11.84
CA PHE B 51 -12.88 -3.05 -10.64
C PHE B 51 -11.80 -1.98 -10.85
N ARG B 52 -11.23 -1.90 -12.06
CA ARG B 52 -10.30 -0.81 -12.35
C ARG B 52 -11.00 0.54 -12.24
N PHE B 53 -12.19 0.63 -12.81
CA PHE B 53 -13.02 1.84 -12.69
C PHE B 53 -13.24 2.20 -11.23
N LEU B 54 -13.67 1.23 -10.43
CA LEU B 54 -13.89 1.50 -9.01
C LEU B 54 -12.61 1.96 -8.34
N CYS B 55 -11.48 1.35 -8.69
CA CYS B 55 -10.22 1.71 -8.03
C CYS B 55 -9.67 3.04 -8.51
N ILE B 56 -10.06 3.52 -9.70
CA ILE B 56 -9.74 4.89 -10.07
C ILE B 56 -10.54 5.85 -9.21
N TYR B 57 -11.82 5.56 -8.99
CA TYR B 57 -12.65 6.49 -8.21
C TYR B 57 -12.27 6.49 -6.75
N ASP B 58 -12.05 5.30 -6.18
CA ASP B 58 -11.88 5.16 -4.74
C ASP B 58 -10.87 4.03 -4.51
N PHE B 59 -9.60 4.34 -4.79
CA PHE B 59 -8.54 3.33 -4.71
C PHE B 59 -8.44 2.75 -3.30
N TYR B 60 -8.53 3.58 -2.26
CA TYR B 60 -8.25 3.13 -0.90
C TYR B 60 -9.50 2.50 -0.27
N ASN B 61 -9.98 1.45 -0.92
CA ASN B 61 -11.20 0.75 -0.54
C ASN B 61 -10.88 -0.74 -0.59
N VAL B 62 -10.92 -1.40 0.59
CA VAL B 62 -10.46 -2.77 0.67
C VAL B 62 -11.28 -3.67 -0.25
N ASP B 63 -12.57 -3.43 -0.35
CA ASP B 63 -13.38 -4.32 -1.17
C ASP B 63 -13.04 -4.22 -2.65
N TYR B 64 -12.78 -3.00 -3.14
CA TYR B 64 -12.42 -2.85 -4.56
C TYR B 64 -11.05 -3.43 -4.83
N ILE B 65 -10.10 -3.21 -3.93
N ILE B 65 -10.10 -3.21 -3.93
CA ILE B 65 -8.74 -3.71 -4.12
CA ILE B 65 -8.73 -3.70 -4.12
C ILE B 65 -8.72 -5.23 -4.15
C ILE B 65 -8.71 -5.22 -4.13
N MET B 66 -9.46 -5.85 -3.21
CA MET B 66 -9.46 -7.31 -3.13
C MET B 66 -10.07 -7.94 -4.36
N GLY B 67 -11.10 -7.30 -4.93
CA GLY B 67 -11.67 -7.84 -6.15
C GLY B 67 -10.65 -7.84 -7.28
N LEU B 68 -9.95 -6.73 -7.45
CA LEU B 68 -8.97 -6.61 -8.52
C LEU B 68 -7.79 -7.54 -8.28
N ALA B 69 -7.33 -7.67 -7.03
CA ALA B 69 -6.22 -8.58 -6.77
C ALA B 69 -6.58 -10.02 -7.10
N ALA B 70 -7.82 -10.41 -6.81
CA ALA B 70 -8.25 -11.77 -7.13
C ALA B 70 -8.16 -12.01 -8.62
N ILE B 71 -8.57 -11.03 -9.43
CA ILE B 71 -8.51 -11.16 -10.88
C ILE B 71 -7.06 -11.35 -11.33
N TYR B 72 -6.16 -10.50 -10.84
CA TYR B 72 -4.74 -10.65 -11.22
C TYR B 72 -4.20 -12.02 -10.80
N GLN B 73 -4.58 -12.49 -9.61
CA GLN B 73 -4.08 -13.79 -9.19
C GLN B 73 -4.61 -14.90 -10.10
N ILE B 74 -5.89 -14.85 -10.45
CA ILE B 74 -6.46 -15.81 -11.40
C ILE B 74 -5.75 -15.74 -12.76
N LYS B 75 -5.42 -14.53 -13.21
CA LYS B 75 -4.71 -14.33 -14.48
C LYS B 75 -3.21 -14.60 -14.38
N GLU B 76 -2.72 -15.06 -13.23
CA GLU B 76 -1.31 -15.37 -13.01
C GLU B 76 -0.42 -14.14 -13.17
N GLN B 77 -0.98 -12.97 -12.91
CA GLN B 77 -0.21 -11.74 -12.77
C GLN B 77 0.13 -11.55 -11.30
N PHE B 78 1.08 -12.36 -10.84
CA PHE B 78 1.24 -12.61 -9.40
C PHE B 78 1.86 -11.41 -8.68
N GLN B 79 2.77 -10.67 -9.31
CA GLN B 79 3.33 -9.49 -8.64
C GLN B 79 2.27 -8.41 -8.47
N GLN B 80 1.47 -8.16 -9.52
CA GLN B 80 0.41 -7.16 -9.40
C GLN B 80 -0.60 -7.56 -8.32
N ALA B 81 -0.96 -8.84 -8.25
CA ALA B 81 -1.88 -9.30 -7.21
C ALA B 81 -1.28 -9.11 -5.83
N ALA B 82 -0.02 -9.51 -5.63
CA ALA B 82 0.58 -9.37 -4.32
C ALA B 82 0.65 -7.91 -3.89
N ASP B 83 0.96 -7.01 -4.85
CA ASP B 83 1.03 -5.60 -4.49
C ASP B 83 -0.32 -5.10 -3.99
N LEU B 84 -1.42 -5.48 -4.68
CA LEU B 84 -2.74 -5.03 -4.25
C LEU B 84 -3.14 -5.69 -2.94
N TYR B 85 -2.83 -6.97 -2.77
CA TYR B 85 -3.13 -7.61 -1.48
C TYR B 85 -2.47 -6.87 -0.33
N ALA B 86 -1.24 -6.40 -0.54
CA ALA B 86 -0.55 -5.68 0.51
C ALA B 86 -1.21 -4.34 0.81
N VAL B 87 -1.68 -3.63 -0.23
CA VAL B 87 -2.45 -2.41 0.01
C VAL B 87 -3.70 -2.72 0.81
N ALA B 88 -4.42 -3.76 0.40
CA ALA B 88 -5.64 -4.13 1.11
C ALA B 88 -5.38 -4.42 2.58
N PHE B 89 -4.28 -5.11 2.90
CA PHE B 89 -3.99 -5.41 4.29
C PHE B 89 -3.66 -4.14 5.07
N ALA B 90 -2.90 -3.22 4.45
CA ALA B 90 -2.54 -1.98 5.13
C ALA B 90 -3.78 -1.18 5.51
N LEU B 91 -4.82 -1.23 4.67
CA LEU B 91 -6.04 -0.52 4.98
C LEU B 91 -6.89 -1.29 5.99
N GLY B 92 -6.93 -2.62 5.89
CA GLY B 92 -7.80 -3.44 6.72
C GLY B 92 -7.21 -3.88 8.07
N LYS B 93 -5.96 -4.34 8.04
CA LYS B 93 -5.15 -4.66 9.23
C LYS B 93 -5.62 -5.86 10.05
N ASN B 94 -6.92 -6.16 10.07
CA ASN B 94 -7.46 -7.20 10.93
C ASN B 94 -7.78 -8.51 10.19
N ASP B 95 -7.84 -8.50 8.87
CA ASP B 95 -8.13 -9.68 8.07
C ASP B 95 -6.84 -10.19 7.44
N TYR B 96 -6.46 -11.43 7.73
CA TYR B 96 -5.20 -11.96 7.21
C TYR B 96 -5.36 -12.68 5.87
N THR B 97 -6.56 -12.71 5.28
CA THR B 97 -6.72 -13.31 3.95
C THR B 97 -5.80 -12.71 2.90
N PRO B 98 -5.67 -11.38 2.77
CA PRO B 98 -4.70 -10.86 1.79
C PRO B 98 -3.27 -11.30 2.07
N VAL B 99 -2.91 -11.52 3.35
CA VAL B 99 -1.55 -11.97 3.64
C VAL B 99 -1.35 -13.39 3.15
N PHE B 100 -2.33 -14.27 3.39
CA PHE B 100 -2.33 -15.63 2.85
C PHE B 100 -2.18 -15.63 1.33
N HIS B 101 -3.01 -14.86 0.64
CA HIS B 101 -2.94 -14.85 -0.82
C HIS B 101 -1.62 -14.27 -1.32
N THR B 102 -1.09 -13.24 -0.66
CA THR B 102 0.24 -12.77 -1.01
C THR B 102 1.26 -13.89 -0.89
N GLY B 103 1.15 -14.71 0.15
CA GLY B 103 2.05 -15.85 0.29
C GLY B 103 1.96 -16.79 -0.88
N GLN B 104 0.74 -17.09 -1.35
CA GLN B 104 0.58 -17.91 -2.54
C GLN B 104 1.26 -17.27 -3.74
N CYS B 105 1.06 -15.96 -3.92
CA CYS B 105 1.68 -15.26 -5.06
C CYS B 105 3.19 -15.33 -4.99
N GLN B 106 3.77 -15.13 -3.79
CA GLN B 106 5.23 -15.15 -3.70
C GLN B 106 5.76 -16.52 -4.06
N LEU B 107 5.04 -17.58 -3.66
CA LEU B 107 5.44 -18.93 -4.05
C LEU B 107 5.54 -19.06 -5.56
N ARG B 108 4.55 -18.53 -6.29
CA ARG B 108 4.58 -18.58 -7.74
C ARG B 108 5.67 -17.66 -8.30
N LEU B 109 6.02 -16.59 -7.58
CA LEU B 109 7.11 -15.71 -7.98
C LEU B 109 8.48 -16.29 -7.63
N LYS B 110 8.53 -17.54 -7.17
CA LYS B 110 9.79 -18.18 -6.80
C LYS B 110 10.50 -17.38 -5.70
N ALA B 111 9.73 -16.96 -4.70
CA ALA B 111 10.24 -16.24 -3.54
C ALA B 111 9.76 -16.95 -2.28
N PRO B 112 10.23 -18.17 -2.04
CA PRO B 112 9.69 -18.96 -0.91
C PRO B 112 9.94 -18.32 0.44
N LEU B 113 11.01 -17.54 0.58
CA LEU B 113 11.26 -16.88 1.85
C LEU B 113 10.22 -15.79 2.12
N LYS B 114 9.87 -15.01 1.10
CA LYS B 114 8.77 -14.06 1.27
C LYS B 114 7.47 -14.78 1.57
N ALA B 115 7.20 -15.88 0.86
CA ALA B 115 5.98 -16.64 1.11
C ALA B 115 5.96 -17.18 2.54
N LYS B 116 7.10 -17.69 3.02
CA LYS B 116 7.14 -18.21 4.38
C LYS B 116 6.77 -17.14 5.40
N GLU B 117 7.30 -15.92 5.22
CA GLU B 117 6.98 -14.84 6.14
C GLU B 117 5.48 -14.54 6.15
N CYS B 118 4.86 -14.56 4.96
CA CYS B 118 3.41 -14.37 4.89
C CYS B 118 2.66 -15.45 5.65
N PHE B 119 2.97 -16.72 5.39
CA PHE B 119 2.22 -17.80 6.03
C PHE B 119 2.45 -17.81 7.54
N GLU B 120 3.66 -17.49 7.98
CA GLU B 120 3.93 -17.46 9.42
C GLU B 120 3.13 -16.34 10.09
N LEU B 121 2.99 -15.19 9.43
CA LEU B 121 2.19 -14.13 10.01
C LEU B 121 0.74 -14.58 10.18
N VAL B 122 0.20 -15.27 9.17
CA VAL B 122 -1.15 -15.82 9.28
C VAL B 122 -1.25 -16.70 10.52
N ILE B 123 -0.28 -17.60 10.68
CA ILE B 123 -0.32 -18.57 11.76
C ILE B 123 -0.28 -17.87 13.12
N GLN B 124 0.59 -16.88 13.25
CA GLN B 124 0.80 -16.27 14.54
C GLN B 124 -0.27 -15.26 14.91
N HIS B 125 -0.96 -14.67 13.92
CA HIS B 125 -1.81 -13.52 14.21
C HIS B 125 -3.27 -13.71 13.80
N SER B 126 -3.59 -14.65 12.92
CA SER B 126 -4.97 -14.77 12.48
C SER B 126 -5.78 -15.55 13.51
N ASN B 127 -7.05 -15.16 13.66
CA ASN B 127 -8.00 -15.93 14.45
C ASN B 127 -8.91 -16.77 13.59
N ASP B 128 -8.66 -16.80 12.28
CA ASP B 128 -9.39 -17.65 11.34
C ASP B 128 -8.70 -19.02 11.35
N GLU B 129 -9.31 -20.00 12.02
CA GLU B 129 -8.63 -21.28 12.20
C GLU B 129 -8.48 -22.04 10.88
N LYS B 130 -9.48 -21.94 10.00
CA LYS B 130 -9.39 -22.62 8.70
C LYS B 130 -8.31 -22.00 7.83
N LEU B 131 -8.18 -20.67 7.86
CA LEU B 131 -7.10 -20.03 7.11
C LEU B 131 -5.74 -20.46 7.64
N LYS B 132 -5.64 -20.62 8.97
CA LYS B 132 -4.37 -21.04 9.54
C LYS B 132 -3.99 -22.44 9.06
N ILE B 133 -4.96 -23.37 8.97
CA ILE B 133 -4.65 -24.69 8.43
C ILE B 133 -4.12 -24.58 7.01
N LYS B 134 -4.76 -23.75 6.18
CA LYS B 134 -4.28 -23.61 4.81
C LYS B 134 -2.87 -23.05 4.78
N ALA B 135 -2.59 -22.04 5.59
CA ALA B 135 -1.26 -21.46 5.62
C ALA B 135 -0.24 -22.50 6.06
N GLN B 136 -0.60 -23.33 7.06
CA GLN B 136 0.33 -24.35 7.55
C GLN B 136 0.66 -25.36 6.47
N SER B 137 -0.32 -25.72 5.63
CA SER B 137 -0.06 -26.70 4.58
C SER B 137 0.90 -26.17 3.53
N TYR B 138 0.89 -24.86 3.28
CA TYR B 138 1.93 -24.29 2.42
C TYR B 138 3.27 -24.33 3.13
N LEU B 139 3.31 -23.92 4.41
CA LEU B 139 4.55 -23.93 5.19
C LEU B 139 5.19 -25.31 5.20
N ASP B 140 4.37 -26.37 5.31
CA ASP B 140 4.94 -27.71 5.39
C ASP B 140 5.69 -28.09 4.12
N ALA B 141 5.29 -27.53 2.98
CA ALA B 141 5.90 -27.85 1.69
C ALA B 141 7.13 -27.02 1.37
N ILE B 142 7.26 -25.82 1.92
CA ILE B 142 8.42 -24.98 1.63
C ILE B 142 9.68 -25.59 2.24
#